data_4WMV
#
_entry.id   4WMV
#
_cell.length_a   98.890
_cell.length_b   136.070
_cell.length_c   37.820
_cell.angle_alpha   90.000
_cell.angle_beta   90.000
_cell.angle_gamma   90.000
#
_symmetry.space_group_name_H-M   'P 21 21 2'
#
loop_
_entity.id
_entity.type
_entity.pdbx_description
1 polymer 'MBL-MCL1 chimera protein'
2 branched alpha-D-glucopyranose-(1-4)-alpha-D-glucopyranose
3 non-polymer 'CHLORIDE ION'
4 non-polymer 'MAGNESIUM ION'
5 non-polymer '3-chloro-6-fluoro-1-benzothiophene-2-carboxylic acid'
6 water water
#
_entity_poly.entity_id   1
_entity_poly.type   'polypeptide(L)'
_entity_poly.pdbx_seq_one_letter_code
;GKIEEGKLVIWINGDKGYNGLAEVGKKFEKDTGIKVTVEHPDKLEEKFPQVAATGDGPDIIFWAHDRFGGYAQSGLLAEI
TPDKAFQDKLYPFTWDAVRYNGKLIAYPIAVEALSLIYNKDLLPNPPKTWEEIPALDKELKAKGKSALMFNLQEPYFTWP
LIAADGGYAFKYENGKYDIKDVGVDNAGAKAGLTFLVDLIKNKHMNADTDYSIAEAAFNKGETAMTINGPWAWSNIDTSK
VNYGVTVLPTFKGQPSKPFVGVLSAGINAASPNKELAKEFLENYLLTDEGLEAVNKDKPLGAVALKSYEEELAKDPRIAA
TMENAQKGEIMPNIPQMSAFWYAVRTAVINAASGRQTVDEALKDAQTGSELYRQSLEIISRYLREQATGAADTAPMGASG
ATSRKALETLRRVGDGVQRNHETAFQGMLRKLDIKNEDDVKSLSRVMIHVFSDGVTNWGRIVTLISFGAFVAKHLKTINQ
ESCIEPLAESITDVLVRTKRDWLVKQRGWDGFVEFFHV
;
_entity_poly.pdbx_strand_id   A
#
# COMPACT_ATOMS: atom_id res chain seq x y z
N GLY A 1 -22.65 -8.19 -17.06
CA GLY A 1 -21.68 -7.23 -16.55
C GLY A 1 -20.93 -6.51 -17.65
N LYS A 2 -19.90 -5.77 -17.26
CA LYS A 2 -19.13 -4.96 -18.21
C LYS A 2 -17.94 -5.73 -18.79
N ILE A 3 -17.41 -6.67 -18.03
CA ILE A 3 -16.25 -7.45 -18.46
C ILE A 3 -16.68 -8.59 -19.38
N GLU A 4 -16.00 -8.72 -20.52
CA GLU A 4 -16.36 -9.70 -21.55
C GLU A 4 -16.12 -11.15 -21.15
N GLU A 5 -17.07 -12.01 -21.51
CA GLU A 5 -16.93 -13.46 -21.31
C GLU A 5 -16.02 -14.09 -22.37
N GLY A 6 -15.44 -15.24 -22.03
CA GLY A 6 -14.67 -16.02 -22.99
C GLY A 6 -13.35 -15.40 -23.41
N LYS A 7 -12.87 -14.46 -22.61
CA LYS A 7 -11.61 -13.79 -22.89
C LYS A 7 -10.85 -13.59 -21.58
N LEU A 8 -9.55 -13.36 -21.67
CA LEU A 8 -8.78 -12.99 -20.48
C LEU A 8 -8.04 -11.67 -20.68
N VAL A 9 -8.33 -10.71 -19.81
CA VAL A 9 -7.64 -9.42 -19.80
C VAL A 9 -6.79 -9.31 -18.54
N ILE A 10 -5.49 -9.15 -18.71
CA ILE A 10 -4.55 -9.17 -17.60
C ILE A 10 -3.79 -7.86 -17.53
N TRP A 11 -3.74 -7.29 -16.32
CA TRP A 11 -3.01 -6.06 -16.06
C TRP A 11 -1.82 -6.33 -15.15
N ILE A 12 -0.65 -5.84 -15.56
CA ILE A 12 0.57 -6.01 -14.77
C ILE A 12 1.40 -4.73 -14.92
N ASN A 13 2.28 -4.45 -13.97
CA ASN A 13 3.03 -3.20 -13.98
C ASN A 13 4.13 -3.14 -15.04
N GLY A 14 4.44 -1.93 -15.49
CA GLY A 14 5.37 -1.72 -16.58
C GLY A 14 6.83 -2.08 -16.31
N ASP A 15 7.20 -2.16 -15.03
CA ASP A 15 8.55 -2.59 -14.67
C ASP A 15 8.67 -4.11 -14.64
N LYS A 16 7.53 -4.80 -14.82
CA LYS A 16 7.52 -6.26 -14.78
C LYS A 16 7.63 -6.85 -16.19
N GLY A 17 7.90 -8.15 -16.27
CA GLY A 17 8.08 -8.81 -17.54
C GLY A 17 6.79 -9.15 -18.25
N TYR A 18 6.07 -8.13 -18.74
CA TYR A 18 4.77 -8.36 -19.35
C TYR A 18 4.84 -9.04 -20.72
N ASN A 19 5.97 -8.91 -21.41
CA ASN A 19 6.14 -9.61 -22.68
C ASN A 19 6.23 -11.12 -22.45
N GLY A 20 6.89 -11.49 -21.37
CA GLY A 20 6.99 -12.89 -20.97
C GLY A 20 5.66 -13.42 -20.46
N LEU A 21 4.90 -12.57 -19.78
CA LEU A 21 3.57 -12.94 -19.34
C LEU A 21 2.70 -13.17 -20.57
N ALA A 22 2.86 -12.30 -21.58
CA ALA A 22 2.12 -12.41 -22.83
C ALA A 22 2.45 -13.72 -23.55
N GLU A 23 3.70 -14.15 -23.47
CA GLU A 23 4.10 -15.45 -24.01
C GLU A 23 3.30 -16.56 -23.35
N VAL A 24 3.15 -16.47 -22.03
CA VAL A 24 2.34 -17.43 -21.28
C VAL A 24 0.89 -17.36 -21.74
N GLY A 25 0.39 -16.16 -21.96
CA GLY A 25 -0.93 -15.96 -22.52
C GLY A 25 -1.11 -16.53 -23.91
N LYS A 26 -0.02 -16.60 -24.68
CA LYS A 26 -0.10 -17.19 -26.02
C LYS A 26 -0.23 -18.71 -25.94
N LYS A 27 0.46 -19.32 -24.99
CA LYS A 27 0.36 -20.76 -24.77
C LYS A 27 -1.04 -21.17 -24.32
N PHE A 28 -1.68 -20.31 -23.53
CA PHE A 28 -3.04 -20.55 -23.08
C PHE A 28 -4.00 -20.47 -24.25
N GLU A 29 -3.79 -19.44 -25.07
CA GLU A 29 -4.63 -19.19 -26.23
C GLU A 29 -4.48 -20.27 -27.29
N LYS A 30 -3.28 -20.83 -27.39
CA LYS A 30 -3.03 -21.91 -28.35
C LYS A 30 -3.78 -23.18 -27.96
N ASP A 31 -3.80 -23.49 -26.67
CA ASP A 31 -4.45 -24.70 -26.17
C ASP A 31 -5.97 -24.61 -26.22
N THR A 32 -6.50 -23.43 -25.88
CA THR A 32 -7.92 -23.28 -25.58
C THR A 32 -8.73 -22.54 -26.64
N GLY A 33 -8.05 -21.72 -27.45
CA GLY A 33 -8.71 -20.87 -28.41
C GLY A 33 -9.23 -19.57 -27.81
N ILE A 34 -9.01 -19.41 -26.50
CA ILE A 34 -9.46 -18.23 -25.76
C ILE A 34 -8.40 -17.13 -25.75
N LYS A 35 -8.78 -15.94 -26.20
CA LYS A 35 -7.84 -14.82 -26.31
C LYS A 35 -7.37 -14.33 -24.95
N VAL A 36 -6.06 -14.08 -24.84
CA VAL A 36 -5.47 -13.53 -23.62
C VAL A 36 -4.77 -12.23 -23.97
N THR A 37 -5.12 -11.17 -23.26
CA THR A 37 -4.56 -9.86 -23.56
C THR A 37 -3.86 -9.25 -22.34
N VAL A 38 -2.56 -8.99 -22.49
CA VAL A 38 -1.78 -8.40 -21.42
C VAL A 38 -1.61 -6.89 -21.62
N GLU A 39 -1.91 -6.14 -20.59
CA GLU A 39 -1.76 -4.69 -20.61
C GLU A 39 -0.91 -4.23 -19.43
N HIS A 40 -0.21 -3.11 -19.58
CA HIS A 40 0.51 -2.51 -18.47
C HIS A 40 0.14 -1.04 -18.32
N PRO A 41 -1.08 -0.77 -17.84
CA PRO A 41 -1.63 0.58 -17.75
C PRO A 41 -0.81 1.49 -16.85
N ASP A 42 -0.79 2.78 -17.17
CA ASP A 42 -0.12 3.78 -16.34
C ASP A 42 -0.84 3.94 -15.01
N LYS A 43 -0.07 4.09 -13.93
CA LYS A 43 -0.61 4.24 -12.57
C LYS A 43 -1.60 3.12 -12.25
N LEU A 44 -1.18 1.90 -12.56
CA LEU A 44 -2.00 0.69 -12.44
C LEU A 44 -2.66 0.51 -11.06
N GLU A 45 -1.91 0.78 -9.99
CA GLU A 45 -2.38 0.57 -8.63
C GLU A 45 -3.55 1.48 -8.27
N GLU A 46 -3.70 2.58 -9.01
CA GLU A 46 -4.81 3.50 -8.79
C GLU A 46 -5.92 3.30 -9.80
N LYS A 47 -5.55 2.88 -11.00
CA LYS A 47 -6.49 2.74 -12.10
C LYS A 47 -7.40 1.52 -11.92
N PHE A 48 -6.87 0.44 -11.34
CA PHE A 48 -7.65 -0.77 -11.11
C PHE A 48 -8.83 -0.57 -10.13
N PRO A 49 -8.59 0.03 -8.95
CA PRO A 49 -9.75 0.17 -8.06
C PRO A 49 -10.80 1.12 -8.61
N GLN A 50 -10.36 2.05 -9.45
CA GLN A 50 -11.27 3.01 -10.08
C GLN A 50 -12.25 2.32 -11.03
N VAL A 51 -11.73 1.48 -11.91
CA VAL A 51 -12.53 0.83 -12.93
C VAL A 51 -13.24 -0.42 -12.40
N ALA A 52 -12.61 -1.12 -11.46
CA ALA A 52 -13.19 -2.34 -10.90
C ALA A 52 -14.39 -2.01 -10.04
N ALA A 53 -14.38 -0.84 -9.40
CA ALA A 53 -15.46 -0.46 -8.51
C ALA A 53 -16.77 -0.28 -9.26
N THR A 54 -16.67 -0.08 -10.56
CA THR A 54 -17.85 0.06 -11.43
C THR A 54 -18.21 -1.26 -12.10
N GLY A 55 -17.53 -2.33 -11.68
CA GLY A 55 -17.75 -3.64 -12.27
C GLY A 55 -17.01 -3.85 -13.58
N ASP A 56 -15.99 -3.03 -13.83
CA ASP A 56 -15.23 -3.09 -15.08
C ASP A 56 -13.78 -3.51 -14.80
N GLY A 57 -12.92 -3.36 -15.81
CA GLY A 57 -11.51 -3.64 -15.64
C GLY A 57 -11.11 -5.00 -16.17
N PRO A 58 -9.91 -5.46 -15.77
CA PRO A 58 -9.35 -6.74 -16.22
C PRO A 58 -9.95 -7.92 -15.46
N ASP A 59 -9.73 -9.13 -15.98
CA ASP A 59 -10.08 -10.34 -15.24
C ASP A 59 -9.04 -10.63 -14.16
N ILE A 60 -7.78 -10.35 -14.48
CA ILE A 60 -6.68 -10.60 -13.56
C ILE A 60 -5.89 -9.31 -13.29
N ILE A 61 -5.58 -9.06 -12.03
CA ILE A 61 -4.78 -7.89 -11.62
C ILE A 61 -3.48 -8.33 -10.94
N PHE A 62 -2.35 -7.78 -11.39
CA PHE A 62 -1.05 -8.06 -10.79
C PHE A 62 -0.50 -6.87 -10.02
N TRP A 63 -0.07 -7.13 -8.79
CA TRP A 63 0.60 -6.12 -7.96
C TRP A 63 1.22 -6.81 -6.75
N ALA A 64 2.08 -6.10 -6.02
CA ALA A 64 2.55 -6.59 -4.73
C ALA A 64 1.35 -6.73 -3.80
N HIS A 65 1.43 -7.70 -2.89
CA HIS A 65 0.29 -8.08 -2.05
C HIS A 65 -0.26 -6.95 -1.16
N ASP A 66 0.53 -5.91 -0.90
CA ASP A 66 0.16 -4.90 0.09
C ASP A 66 -1.18 -4.19 -0.21
N ARG A 67 -1.50 -3.97 -1.49
CA ARG A 67 -2.72 -3.25 -1.86
C ARG A 67 -3.96 -4.13 -2.02
N PHE A 68 -3.80 -5.45 -1.90
CA PHE A 68 -4.91 -6.36 -2.20
C PHE A 68 -5.97 -6.39 -1.09
N GLY A 69 -5.57 -6.13 0.15
CA GLY A 69 -6.53 -6.05 1.23
C GLY A 69 -7.50 -4.91 1.04
N GLY A 70 -6.98 -3.78 0.54
CA GLY A 70 -7.82 -2.65 0.20
C GLY A 70 -8.80 -3.01 -0.91
N TYR A 71 -8.34 -3.78 -1.89
CA TYR A 71 -9.19 -4.19 -2.99
C TYR A 71 -10.26 -5.17 -2.52
N ALA A 72 -9.88 -6.04 -1.58
CA ALA A 72 -10.82 -7.02 -1.03
C ALA A 72 -11.86 -6.33 -0.19
N GLN A 73 -11.42 -5.41 0.67
CA GLN A 73 -12.32 -4.69 1.56
C GLN A 73 -13.36 -3.92 0.73
N SER A 74 -12.96 -3.48 -0.45
CA SER A 74 -13.84 -2.76 -1.35
C SER A 74 -14.66 -3.71 -2.21
N GLY A 75 -14.49 -5.00 -1.97
CA GLY A 75 -15.22 -6.02 -2.71
C GLY A 75 -14.84 -6.13 -4.18
N LEU A 76 -13.59 -5.83 -4.50
CA LEU A 76 -13.16 -5.83 -5.90
C LEU A 76 -12.51 -7.16 -6.29
N LEU A 77 -12.26 -8.01 -5.30
CA LEU A 77 -11.56 -9.27 -5.56
C LEU A 77 -12.42 -10.49 -5.28
N ALA A 78 -12.22 -11.54 -6.07
CA ALA A 78 -12.88 -12.81 -5.82
C ALA A 78 -12.02 -13.64 -4.88
N GLU A 79 -12.66 -14.34 -3.96
CA GLU A 79 -11.94 -15.28 -3.12
C GLU A 79 -11.41 -16.37 -4.04
N ILE A 80 -10.14 -16.71 -3.88
CA ILE A 80 -9.61 -17.82 -4.67
C ILE A 80 -9.61 -19.07 -3.79
N THR A 81 -9.85 -20.21 -4.41
CA THR A 81 -9.94 -21.46 -3.67
C THR A 81 -9.15 -22.58 -4.36
N PRO A 82 -7.82 -22.52 -4.29
CA PRO A 82 -7.00 -23.60 -4.85
C PRO A 82 -7.15 -24.86 -4.01
N ASP A 83 -6.92 -26.02 -4.62
CA ASP A 83 -6.97 -27.28 -3.90
C ASP A 83 -5.75 -27.40 -2.99
N LYS A 84 -5.76 -28.39 -2.11
CA LYS A 84 -4.66 -28.62 -1.19
C LYS A 84 -3.37 -28.86 -1.96
N ALA A 85 -3.44 -29.67 -3.00
CA ALA A 85 -2.27 -30.09 -3.75
C ALA A 85 -1.58 -28.92 -4.45
N PHE A 86 -2.38 -27.94 -4.88
CA PHE A 86 -1.81 -26.77 -5.52
C PHE A 86 -1.23 -25.84 -4.47
N GLN A 87 -1.92 -25.72 -3.34
CA GLN A 87 -1.42 -24.92 -2.23
C GLN A 87 -0.06 -25.42 -1.76
N ASP A 88 0.08 -26.74 -1.72
CA ASP A 88 1.32 -27.36 -1.25
C ASP A 88 2.51 -27.13 -2.20
N LYS A 89 2.23 -26.59 -3.39
CA LYS A 89 3.28 -26.31 -4.36
C LYS A 89 4.00 -24.98 -4.09
N LEU A 90 3.34 -24.10 -3.33
CA LEU A 90 3.90 -22.78 -3.03
C LEU A 90 4.30 -22.68 -1.57
N TYR A 91 5.30 -21.83 -1.28
CA TYR A 91 5.74 -21.65 0.09
C TYR A 91 4.61 -21.08 0.96
N PRO A 92 4.37 -21.72 2.12
CA PRO A 92 3.31 -21.31 3.03
C PRO A 92 3.33 -19.83 3.40
N PHE A 93 4.50 -19.21 3.47
CA PHE A 93 4.57 -17.83 3.89
C PHE A 93 4.12 -16.88 2.77
N THR A 94 4.17 -17.35 1.53
CA THR A 94 3.64 -16.57 0.40
C THR A 94 2.12 -16.59 0.41
N TRP A 95 1.52 -17.70 0.84
CA TRP A 95 0.07 -17.76 0.97
C TRP A 95 -0.38 -16.80 2.07
N ASP A 96 0.41 -16.71 3.13
CA ASP A 96 0.14 -15.80 4.24
C ASP A 96 0.03 -14.34 3.76
N ALA A 97 0.85 -13.96 2.80
CA ALA A 97 0.85 -12.58 2.33
C ALA A 97 -0.43 -12.21 1.58
N VAL A 98 -1.18 -13.21 1.11
CA VAL A 98 -2.39 -12.96 0.34
C VAL A 98 -3.65 -13.45 1.06
N ARG A 99 -3.55 -13.64 2.37
CA ARG A 99 -4.72 -13.99 3.16
C ARG A 99 -5.28 -12.71 3.78
N TYR A 100 -6.58 -12.50 3.64
CA TYR A 100 -7.20 -11.31 4.20
C TYR A 100 -8.50 -11.68 4.91
N ASN A 101 -8.54 -11.42 6.22
CA ASN A 101 -9.66 -11.81 7.07
C ASN A 101 -10.03 -13.28 6.90
N GLY A 102 -9.02 -14.15 6.96
CA GLY A 102 -9.25 -15.58 6.86
C GLY A 102 -9.32 -16.12 5.45
N LYS A 103 -9.45 -15.25 4.45
CA LYS A 103 -9.64 -15.70 3.08
C LYS A 103 -8.46 -15.37 2.15
N LEU A 104 -8.05 -16.37 1.37
CA LEU A 104 -7.07 -16.14 0.30
C LEU A 104 -7.68 -15.26 -0.78
N ILE A 105 -6.96 -14.21 -1.18
CA ILE A 105 -7.52 -13.25 -2.12
C ILE A 105 -6.65 -13.06 -3.37
N ALA A 106 -5.60 -13.86 -3.48
CA ALA A 106 -4.71 -13.79 -4.65
C ALA A 106 -3.75 -14.96 -4.69
N TYR A 107 -3.21 -15.23 -5.88
CA TYR A 107 -2.12 -16.19 -6.05
C TYR A 107 -0.78 -15.50 -5.92
N PRO A 108 0.00 -15.83 -4.88
CA PRO A 108 1.35 -15.26 -4.75
C PRO A 108 2.30 -15.77 -5.83
N ILE A 109 3.03 -14.86 -6.45
CA ILE A 109 3.89 -15.16 -7.61
C ILE A 109 5.38 -15.19 -7.26
N ALA A 110 5.89 -14.10 -6.68
CA ALA A 110 7.30 -14.02 -6.32
C ALA A 110 7.57 -13.04 -5.17
N VAL A 111 8.62 -13.32 -4.41
CA VAL A 111 9.03 -12.46 -3.29
C VAL A 111 10.00 -11.38 -3.76
N GLU A 112 9.62 -10.12 -3.55
CA GLU A 112 10.43 -9.00 -4.01
C GLU A 112 11.05 -8.24 -2.84
N ALA A 113 12.36 -8.04 -2.91
CA ALA A 113 13.04 -7.21 -1.92
C ALA A 113 14.10 -6.36 -2.60
N LEU A 114 14.26 -5.14 -2.11
CA LEU A 114 15.27 -4.22 -2.64
C LEU A 114 16.67 -4.66 -2.28
N SER A 115 17.59 -4.53 -3.23
CA SER A 115 19.00 -4.76 -2.92
C SER A 115 19.82 -3.55 -3.30
N LEU A 116 21.05 -3.52 -2.80
CA LEU A 116 22.05 -2.59 -3.30
C LEU A 116 22.66 -3.18 -4.57
N ILE A 117 22.56 -2.43 -5.66
CA ILE A 117 23.20 -2.82 -6.90
C ILE A 117 24.37 -1.89 -7.17
N TYR A 118 25.54 -2.47 -7.46
CA TYR A 118 26.75 -1.67 -7.58
C TYR A 118 27.61 -2.05 -8.77
N ASN A 119 28.34 -1.07 -9.28
CA ASN A 119 29.25 -1.26 -10.40
C ASN A 119 30.62 -1.71 -9.91
N LYS A 120 30.94 -2.98 -10.17
CA LYS A 120 32.21 -3.55 -9.75
C LYS A 120 33.43 -2.82 -10.32
N ASP A 121 33.30 -2.28 -11.53
CA ASP A 121 34.41 -1.57 -12.16
C ASP A 121 34.72 -0.25 -11.45
N LEU A 122 33.69 0.38 -10.89
CA LEU A 122 33.86 1.66 -10.20
C LEU A 122 34.05 1.43 -8.71
N LEU A 123 33.34 0.44 -8.19
CA LEU A 123 33.27 0.18 -6.76
C LEU A 123 33.46 -1.30 -6.46
N PRO A 124 34.72 -1.75 -6.44
CA PRO A 124 35.08 -3.17 -6.24
C PRO A 124 34.58 -3.71 -4.90
N ASN A 125 34.62 -2.85 -3.89
CA ASN A 125 34.15 -3.23 -2.56
C ASN A 125 33.16 -2.21 -2.04
N PRO A 126 31.86 -2.51 -2.17
CA PRO A 126 30.76 -1.59 -1.86
C PRO A 126 30.65 -1.28 -0.36
N PRO A 127 30.18 -0.09 -0.02
CA PRO A 127 30.14 0.37 1.38
C PRO A 127 29.17 -0.42 2.24
N LYS A 128 29.61 -0.76 3.45
CA LYS A 128 28.78 -1.52 4.37
C LYS A 128 27.82 -0.61 5.13
N THR A 129 28.10 0.68 5.14
CA THR A 129 27.30 1.67 5.88
C THR A 129 26.83 2.84 5.02
N TRP A 130 25.72 3.44 5.40
CA TRP A 130 25.22 4.64 4.74
C TRP A 130 26.15 5.83 5.02
N GLU A 131 26.76 5.84 6.20
CA GLU A 131 27.52 7.01 6.66
C GLU A 131 28.81 7.27 5.89
N GLU A 132 29.32 6.28 5.18
CA GLU A 132 30.56 6.48 4.44
C GLU A 132 30.29 6.86 2.99
N ILE A 133 29.01 7.01 2.65
CA ILE A 133 28.62 7.34 1.28
C ILE A 133 29.02 8.76 0.86
N PRO A 134 28.79 9.78 1.71
CA PRO A 134 29.24 11.13 1.31
C PRO A 134 30.73 11.18 0.94
N ALA A 135 31.58 10.56 1.76
CA ALA A 135 33.02 10.53 1.48
C ALA A 135 33.30 9.75 0.21
N LEU A 136 32.58 8.65 0.03
CA LEU A 136 32.72 7.83 -1.16
C LEU A 136 32.34 8.62 -2.41
N ASP A 137 31.33 9.48 -2.28
CA ASP A 137 30.87 10.27 -3.41
C ASP A 137 31.93 11.29 -3.80
N LYS A 138 32.64 11.82 -2.80
CA LYS A 138 33.68 12.81 -3.06
C LYS A 138 34.80 12.20 -3.88
N GLU A 139 35.28 11.04 -3.47
CA GLU A 139 36.27 10.30 -4.24
C GLU A 139 35.83 10.13 -5.68
N LEU A 140 34.60 9.64 -5.86
CA LEU A 140 34.07 9.34 -7.18
C LEU A 140 33.86 10.60 -8.03
N LYS A 141 33.47 11.70 -7.38
CA LYS A 141 33.22 12.95 -8.10
C LYS A 141 34.49 13.46 -8.78
N ALA A 142 35.63 13.14 -8.18
CA ALA A 142 36.93 13.50 -8.75
C ALA A 142 37.21 12.75 -10.06
N LYS A 143 36.51 11.65 -10.27
CA LYS A 143 36.68 10.82 -11.46
C LYS A 143 35.54 11.01 -12.47
N GLY A 144 34.62 11.92 -12.18
CA GLY A 144 33.47 12.14 -13.03
C GLY A 144 32.31 11.19 -12.76
N LYS A 145 32.28 10.63 -11.55
CA LYS A 145 31.24 9.68 -11.16
C LYS A 145 30.55 10.07 -9.86
N SER A 146 29.37 9.51 -9.61
CA SER A 146 28.71 9.71 -8.32
C SER A 146 28.59 8.36 -7.62
N ALA A 147 28.36 8.38 -6.32
CA ALA A 147 28.31 7.16 -5.54
C ALA A 147 26.98 6.43 -5.68
N LEU A 148 25.87 7.15 -5.53
CA LEU A 148 24.56 6.50 -5.45
C LEU A 148 23.45 7.28 -6.13
N MET A 149 22.64 6.57 -6.91
CA MET A 149 21.41 7.14 -7.47
C MET A 149 20.27 6.13 -7.43
N PHE A 150 19.16 6.53 -6.84
CA PHE A 150 17.97 5.69 -6.83
C PHE A 150 16.70 6.55 -6.78
N ASN A 151 15.57 5.94 -7.11
CA ASN A 151 14.28 6.62 -7.22
C ASN A 151 13.85 7.25 -5.89
N LEU A 152 13.64 8.55 -5.90
CA LEU A 152 13.25 9.28 -4.72
C LEU A 152 11.80 9.74 -4.81
N GLN A 153 11.11 9.34 -5.88
CA GLN A 153 9.69 9.70 -6.04
C GLN A 153 8.75 8.64 -5.46
N GLU A 154 9.30 7.49 -5.09
CA GLU A 154 8.51 6.44 -4.46
C GLU A 154 9.14 6.03 -3.12
N PRO A 155 8.37 6.14 -2.04
CA PRO A 155 8.85 5.87 -0.68
C PRO A 155 9.35 4.44 -0.48
N TYR A 156 8.92 3.53 -1.35
CA TYR A 156 9.41 2.16 -1.36
C TYR A 156 10.95 2.08 -1.32
N PHE A 157 11.62 2.93 -2.08
CA PHE A 157 13.08 2.89 -2.18
C PHE A 157 13.78 3.55 -0.99
N THR A 158 13.08 4.47 -0.33
CA THR A 158 13.66 5.23 0.78
C THR A 158 13.34 4.56 2.11
N TRP A 159 12.25 3.80 2.13
CA TRP A 159 11.81 3.13 3.36
C TRP A 159 12.85 2.26 4.08
N PRO A 160 13.73 1.54 3.35
CA PRO A 160 14.76 0.79 4.07
C PRO A 160 15.60 1.65 5.00
N LEU A 161 15.96 2.84 4.55
CA LEU A 161 16.78 3.76 5.33
C LEU A 161 15.98 4.37 6.47
N ILE A 162 14.72 4.70 6.20
CA ILE A 162 13.82 5.23 7.21
C ILE A 162 13.61 4.23 8.35
N ALA A 163 13.45 2.97 8.00
CA ALA A 163 13.12 1.92 8.98
C ALA A 163 14.35 1.42 9.71
N ALA A 164 15.53 1.81 9.23
CA ALA A 164 16.79 1.27 9.71
C ALA A 164 17.00 1.47 11.21
N ASP A 165 16.78 2.69 11.68
CA ASP A 165 17.02 3.03 13.08
C ASP A 165 15.74 3.05 13.91
N GLY A 166 14.73 2.31 13.46
CA GLY A 166 13.54 2.11 14.27
C GLY A 166 12.25 2.65 13.70
N GLY A 167 12.28 3.05 12.43
CA GLY A 167 11.07 3.47 11.75
C GLY A 167 10.20 2.27 11.39
N TYR A 168 8.88 2.45 11.47
CA TYR A 168 7.95 1.40 11.07
C TYR A 168 6.61 1.99 10.63
N ALA A 169 5.84 1.19 9.90
CA ALA A 169 4.50 1.59 9.51
C ALA A 169 3.54 1.29 10.66
N PHE A 170 3.11 0.03 10.75
CA PHE A 170 2.23 -0.42 11.83
C PHE A 170 2.92 -1.51 12.63
N LYS A 171 2.98 -1.34 13.95
CA LYS A 171 3.67 -2.26 14.85
C LYS A 171 3.29 -3.72 14.65
N TYR A 172 4.30 -4.59 14.56
CA TYR A 172 4.07 -6.03 14.47
C TYR A 172 4.84 -6.77 15.55
N TYR A 177 -0.13 -7.50 15.28
CA TYR A 177 -0.28 -6.15 14.78
C TYR A 177 -0.91 -5.21 15.80
N ASP A 178 -0.58 -3.93 15.68
CA ASP A 178 -1.32 -2.85 16.32
C ASP A 178 -1.39 -1.70 15.32
N ILE A 179 -2.49 -1.62 14.59
CA ILE A 179 -2.63 -0.66 13.50
C ILE A 179 -2.66 0.77 14.05
N LYS A 180 -3.17 0.93 15.27
CA LYS A 180 -3.23 2.25 15.90
C LYS A 180 -1.83 2.80 16.20
N ASP A 181 -0.88 1.89 16.47
CA ASP A 181 0.49 2.29 16.78
C ASP A 181 1.33 2.49 15.50
N VAL A 182 1.58 3.76 15.17
CA VAL A 182 2.30 4.10 13.95
C VAL A 182 3.62 4.79 14.26
N GLY A 183 4.69 4.35 13.60
CA GLY A 183 6.03 4.84 13.86
C GLY A 183 6.65 5.58 12.70
N VAL A 184 5.84 6.37 12.01
CA VAL A 184 6.29 7.14 10.86
C VAL A 184 7.08 8.40 11.26
N ASP A 185 6.76 9.00 12.40
CA ASP A 185 7.49 10.20 12.83
C ASP A 185 8.23 10.04 14.16
N ASN A 186 8.73 8.85 14.45
CA ASN A 186 9.57 8.64 15.63
C ASN A 186 11.01 9.07 15.34
N ALA A 187 11.90 8.88 16.31
CA ALA A 187 13.26 9.41 16.19
C ALA A 187 14.07 8.71 15.10
N GLY A 188 13.87 7.41 14.96
CA GLY A 188 14.59 6.63 13.98
C GLY A 188 14.23 7.02 12.55
N ALA A 189 12.93 7.14 12.29
CA ALA A 189 12.45 7.56 10.98
C ALA A 189 12.95 8.95 10.66
N LYS A 190 12.93 9.83 11.67
CA LYS A 190 13.45 11.18 11.51
C LYS A 190 14.96 11.17 11.18
N ALA A 191 15.72 10.34 11.89
CA ALA A 191 17.15 10.22 11.63
C ALA A 191 17.41 9.76 10.20
N GLY A 192 16.65 8.75 9.77
CA GLY A 192 16.86 8.15 8.47
C GLY A 192 16.59 9.12 7.35
N LEU A 193 15.47 9.81 7.44
CA LEU A 193 15.07 10.77 6.43
C LEU A 193 15.98 11.99 6.46
N THR A 194 16.45 12.34 7.65
CA THR A 194 17.36 13.47 7.81
C THR A 194 18.66 13.20 7.07
N PHE A 195 19.17 11.99 7.18
CA PHE A 195 20.40 11.62 6.48
C PHE A 195 20.21 11.76 4.98
N LEU A 196 19.07 11.29 4.50
CA LEU A 196 18.71 11.36 3.09
C LEU A 196 18.66 12.81 2.59
N VAL A 197 18.08 13.68 3.42
CA VAL A 197 17.96 15.09 3.08
C VAL A 197 19.33 15.75 3.04
N ASP A 198 20.23 15.32 3.93
CA ASP A 198 21.58 15.86 3.97
C ASP A 198 22.41 15.43 2.75
N LEU A 199 22.21 14.20 2.30
CA LEU A 199 22.83 13.74 1.07
C LEU A 199 22.48 14.68 -0.07
N ILE A 200 21.22 15.10 -0.11
CA ILE A 200 20.73 16.03 -1.12
C ILE A 200 21.30 17.43 -0.91
N LYS A 201 21.21 17.92 0.33
CA LYS A 201 21.74 19.23 0.67
C LYS A 201 23.23 19.32 0.32
N ASN A 202 23.97 18.25 0.59
CA ASN A 202 25.41 18.21 0.29
C ASN A 202 25.70 17.72 -1.13
N LYS A 203 24.71 17.82 -2.01
CA LYS A 203 24.88 17.55 -3.44
C LYS A 203 25.37 16.14 -3.78
N HIS A 204 25.13 15.18 -2.89
CA HIS A 204 25.46 13.78 -3.17
C HIS A 204 24.31 13.09 -3.90
N MET A 205 23.12 13.67 -3.79
CA MET A 205 21.95 13.20 -4.53
C MET A 205 21.10 14.37 -4.99
N ASN A 206 20.28 14.15 -6.01
CA ASN A 206 19.38 15.16 -6.54
C ASN A 206 17.93 14.82 -6.21
N ALA A 207 17.19 15.77 -5.66
CA ALA A 207 15.82 15.54 -5.23
C ALA A 207 14.88 15.14 -6.37
N ASP A 208 15.25 15.47 -7.61
CA ASP A 208 14.37 15.22 -8.76
C ASP A 208 14.55 13.81 -9.35
N THR A 209 15.51 13.06 -8.81
CA THR A 209 15.81 11.72 -9.31
C THR A 209 14.65 10.75 -9.18
N ASP A 210 14.26 10.13 -10.30
CA ASP A 210 13.20 9.14 -10.34
C ASP A 210 13.71 7.80 -10.87
N TYR A 211 12.78 6.89 -11.19
CA TYR A 211 13.18 5.55 -11.62
C TYR A 211 14.03 5.56 -12.89
N SER A 212 13.52 6.20 -13.95
CA SER A 212 14.21 6.26 -15.24
C SER A 212 15.59 6.90 -15.14
N ILE A 213 15.66 8.05 -14.48
CA ILE A 213 16.90 8.80 -14.33
C ILE A 213 17.98 8.00 -13.61
N ALA A 214 17.60 7.36 -12.50
CA ALA A 214 18.53 6.54 -11.73
C ALA A 214 18.99 5.33 -12.54
N GLU A 215 18.04 4.58 -13.11
CA GLU A 215 18.37 3.42 -13.94
C GLU A 215 19.34 3.80 -15.06
N ALA A 216 19.02 4.91 -15.74
CA ALA A 216 19.82 5.39 -16.87
C ALA A 216 21.26 5.70 -16.46
N ALA A 217 21.43 6.42 -15.35
CA ALA A 217 22.75 6.81 -14.86
C ALA A 217 23.60 5.60 -14.47
N PHE A 218 22.98 4.61 -13.84
CA PHE A 218 23.74 3.42 -13.44
C PHE A 218 24.13 2.58 -14.65
N ASN A 219 23.18 2.38 -15.56
CA ASN A 219 23.38 1.54 -16.73
C ASN A 219 24.28 2.20 -17.75
N LYS A 220 24.46 3.52 -17.63
CA LYS A 220 25.45 4.24 -18.44
C LYS A 220 26.80 4.35 -17.74
N GLY A 221 26.94 3.72 -16.57
CA GLY A 221 28.18 3.75 -15.82
C GLY A 221 28.53 5.08 -15.17
N GLU A 222 27.52 5.92 -14.92
CA GLU A 222 27.73 7.26 -14.36
C GLU A 222 27.69 7.27 -12.83
N THR A 223 26.90 6.39 -12.23
CA THR A 223 26.85 6.29 -10.78
C THR A 223 27.24 4.87 -10.38
N ALA A 224 28.00 4.73 -9.29
CA ALA A 224 28.56 3.43 -8.90
C ALA A 224 27.54 2.52 -8.23
N MET A 225 26.46 3.11 -7.71
CA MET A 225 25.45 2.33 -6.99
C MET A 225 24.02 2.76 -7.33
N THR A 226 23.11 1.80 -7.33
CA THR A 226 21.70 2.11 -7.32
C THR A 226 20.98 1.16 -6.35
N ILE A 227 19.73 1.48 -6.04
CA ILE A 227 18.91 0.61 -5.21
C ILE A 227 17.67 0.23 -6.01
N ASN A 228 17.47 -1.06 -6.20
CA ASN A 228 16.36 -1.54 -7.01
C ASN A 228 16.06 -3.02 -6.77
N GLY A 229 15.00 -3.52 -7.42
CA GLY A 229 14.59 -4.89 -7.28
C GLY A 229 15.08 -5.79 -8.40
N PRO A 230 14.72 -7.07 -8.36
CA PRO A 230 15.14 -8.08 -9.33
C PRO A 230 14.73 -7.77 -10.76
N TRP A 231 13.58 -7.09 -10.91
CA TRP A 231 13.04 -6.76 -12.23
C TRP A 231 13.98 -5.89 -13.06
N ALA A 232 14.90 -5.22 -12.38
CA ALA A 232 15.76 -4.24 -13.03
C ALA A 232 16.98 -4.89 -13.68
N TRP A 233 17.31 -6.11 -13.26
CA TRP A 233 18.56 -6.76 -13.67
C TRP A 233 18.66 -6.95 -15.20
N SER A 234 17.52 -7.15 -15.86
CA SER A 234 17.50 -7.32 -17.31
C SER A 234 18.15 -6.15 -18.05
N ASN A 235 17.75 -4.93 -17.70
CA ASN A 235 18.26 -3.77 -18.40
C ASN A 235 19.74 -3.55 -18.13
N ILE A 236 20.18 -3.91 -16.92
CA ILE A 236 21.58 -3.80 -16.57
C ILE A 236 22.41 -4.84 -17.35
N ASP A 237 21.83 -6.00 -17.60
CA ASP A 237 22.47 -7.01 -18.45
C ASP A 237 22.74 -6.46 -19.85
N THR A 238 21.70 -5.88 -20.45
CA THR A 238 21.80 -5.30 -21.78
C THR A 238 22.88 -4.20 -21.85
N SER A 239 23.05 -3.47 -20.76
CA SER A 239 23.99 -2.37 -20.71
C SER A 239 25.43 -2.85 -20.54
N LYS A 240 25.59 -4.12 -20.18
CA LYS A 240 26.89 -4.76 -20.04
C LYS A 240 27.73 -4.17 -18.90
N VAL A 241 27.09 -3.49 -17.96
CA VAL A 241 27.79 -3.01 -16.76
C VAL A 241 28.15 -4.20 -15.87
N ASN A 242 29.40 -4.25 -15.44
CA ASN A 242 29.86 -5.29 -14.53
C ASN A 242 29.28 -5.06 -13.14
N TYR A 243 28.07 -5.55 -12.91
CA TYR A 243 27.36 -5.22 -11.68
C TYR A 243 27.30 -6.37 -10.69
N GLY A 244 27.10 -6.01 -9.43
CA GLY A 244 26.92 -6.98 -8.36
C GLY A 244 25.65 -6.67 -7.60
N VAL A 245 25.18 -7.63 -6.81
CA VAL A 245 23.99 -7.44 -6.00
C VAL A 245 24.32 -7.82 -4.56
N THR A 246 24.09 -6.90 -3.62
CA THR A 246 24.51 -7.15 -2.25
C THR A 246 23.52 -6.59 -1.20
N VAL A 247 23.91 -6.72 0.06
CA VAL A 247 23.08 -6.27 1.17
C VAL A 247 23.11 -4.75 1.25
N LEU A 248 21.97 -4.15 1.57
CA LEU A 248 21.88 -2.70 1.69
C LEU A 248 22.82 -2.21 2.79
N PRO A 249 23.28 -0.96 2.67
CA PRO A 249 24.15 -0.40 3.72
C PRO A 249 23.43 -0.34 5.07
N THR A 250 24.17 -0.38 6.16
CA THR A 250 23.57 -0.17 7.47
C THR A 250 23.47 1.32 7.76
N PHE A 251 22.62 1.68 8.71
CA PHE A 251 22.53 3.06 9.16
C PHE A 251 22.52 3.09 10.68
N LYS A 252 23.49 3.81 11.24
CA LYS A 252 23.72 3.85 12.69
C LYS A 252 23.92 2.44 13.27
N GLY A 253 24.64 1.61 12.53
CA GLY A 253 24.94 0.25 12.96
C GLY A 253 23.85 -0.76 12.64
N GLN A 254 22.66 -0.29 12.27
CA GLN A 254 21.50 -1.16 12.09
C GLN A 254 21.17 -1.40 10.62
N PRO A 255 20.81 -2.65 10.27
CA PRO A 255 20.49 -3.04 8.88
C PRO A 255 19.34 -2.24 8.28
N SER A 256 19.47 -1.86 7.01
CA SER A 256 18.35 -1.28 6.29
C SER A 256 17.27 -2.34 6.19
N LYS A 257 16.01 -1.92 6.38
CA LYS A 257 14.93 -2.89 6.42
C LYS A 257 13.98 -2.60 5.28
N PRO A 258 14.20 -3.25 4.14
CA PRO A 258 13.33 -3.07 2.99
C PRO A 258 11.96 -3.64 3.29
N PHE A 259 10.92 -2.96 2.87
CA PHE A 259 9.58 -3.49 3.11
C PHE A 259 9.31 -4.48 2.00
N VAL A 260 9.27 -5.76 2.36
CA VAL A 260 9.25 -6.86 1.40
C VAL A 260 7.90 -7.05 0.72
N GLY A 261 7.93 -7.18 -0.59
CA GLY A 261 6.71 -7.34 -1.37
C GLY A 261 6.56 -8.70 -2.01
N VAL A 262 5.31 -9.15 -2.12
CA VAL A 262 5.01 -10.40 -2.79
C VAL A 262 4.10 -10.11 -3.99
N LEU A 263 4.69 -10.10 -5.18
CA LEU A 263 3.92 -9.93 -6.41
C LEU A 263 2.82 -10.99 -6.44
N SER A 264 1.58 -10.56 -6.58
CA SER A 264 0.46 -11.46 -6.51
C SER A 264 -0.51 -11.25 -7.66
N ALA A 265 -1.31 -12.26 -7.98
CA ALA A 265 -2.31 -12.14 -9.03
C ALA A 265 -3.71 -12.32 -8.45
N GLY A 266 -4.51 -11.26 -8.54
CA GLY A 266 -5.87 -11.30 -8.04
C GLY A 266 -6.86 -11.47 -9.17
N ILE A 267 -8.09 -11.85 -8.82
CA ILE A 267 -9.14 -12.07 -9.79
C ILE A 267 -10.31 -11.12 -9.54
N ASN A 268 -10.65 -10.34 -10.56
CA ASN A 268 -11.73 -9.35 -10.48
C ASN A 268 -13.05 -9.95 -10.02
N ALA A 269 -13.65 -9.34 -9.00
CA ALA A 269 -14.94 -9.79 -8.47
C ALA A 269 -16.01 -9.83 -9.56
N ALA A 270 -15.92 -8.90 -10.50
CA ALA A 270 -16.92 -8.76 -11.55
C ALA A 270 -16.57 -9.56 -12.82
N SER A 271 -15.45 -10.28 -12.77
CA SER A 271 -15.08 -11.12 -13.89
C SER A 271 -16.06 -12.28 -14.05
N PRO A 272 -16.52 -12.50 -15.28
CA PRO A 272 -17.33 -13.68 -15.57
C PRO A 272 -16.43 -14.84 -16.02
N ASN A 273 -15.12 -14.70 -15.84
CA ASN A 273 -14.18 -15.72 -16.30
C ASN A 273 -13.29 -16.27 -15.19
N LYS A 274 -13.83 -16.33 -13.98
CA LYS A 274 -13.05 -16.71 -12.80
C LYS A 274 -12.39 -18.09 -12.95
N GLU A 275 -13.15 -19.04 -13.48
CA GLU A 275 -12.63 -20.39 -13.71
C GLU A 275 -11.51 -20.42 -14.76
N LEU A 276 -11.64 -19.57 -15.77
CA LEU A 276 -10.60 -19.42 -16.78
C LEU A 276 -9.34 -18.80 -16.17
N ALA A 277 -9.54 -17.77 -15.36
CA ALA A 277 -8.42 -17.07 -14.72
C ALA A 277 -7.68 -18.03 -13.81
N LYS A 278 -8.43 -18.91 -13.17
CA LYS A 278 -7.91 -19.94 -12.28
C LYS A 278 -7.06 -20.94 -13.06
N GLU A 279 -7.56 -21.33 -14.24
CA GLU A 279 -6.86 -22.30 -15.06
C GLU A 279 -5.54 -21.70 -15.56
N PHE A 280 -5.61 -20.45 -16.02
CA PHE A 280 -4.41 -19.76 -16.49
C PHE A 280 -3.34 -19.67 -15.40
N LEU A 281 -3.72 -19.14 -14.24
CA LEU A 281 -2.75 -18.86 -13.19
C LEU A 281 -2.15 -20.15 -12.58
N GLU A 282 -2.97 -21.18 -12.40
CA GLU A 282 -2.52 -22.41 -11.74
C GLU A 282 -1.77 -23.36 -12.67
N ASN A 283 -2.23 -23.45 -13.91
CA ASN A 283 -1.75 -24.49 -14.81
C ASN A 283 -0.87 -23.96 -15.96
N TYR A 284 -0.75 -22.65 -16.06
CA TYR A 284 0.08 -22.06 -17.10
C TYR A 284 1.15 -21.13 -16.52
N LEU A 285 0.76 -20.22 -15.64
CA LEU A 285 1.72 -19.27 -15.08
C LEU A 285 2.53 -19.86 -13.93
N LEU A 286 1.86 -20.32 -12.89
CA LEU A 286 2.57 -20.89 -11.74
C LEU A 286 3.06 -22.31 -12.05
N THR A 287 3.89 -22.41 -13.09
CA THR A 287 4.59 -23.65 -13.41
C THR A 287 6.09 -23.31 -13.55
N ASP A 288 6.92 -24.33 -13.74
CA ASP A 288 8.33 -24.11 -13.97
C ASP A 288 8.57 -23.34 -15.27
N GLU A 289 7.81 -23.72 -16.29
CA GLU A 289 7.96 -23.13 -17.62
C GLU A 289 7.26 -21.79 -17.70
N GLY A 290 6.19 -21.64 -16.93
CA GLY A 290 5.45 -20.39 -16.88
C GLY A 290 6.24 -19.29 -16.20
N LEU A 291 6.74 -19.58 -15.00
CA LEU A 291 7.49 -18.60 -14.25
C LEU A 291 8.82 -18.26 -14.92
N GLU A 292 9.38 -19.21 -15.65
CA GLU A 292 10.64 -18.95 -16.35
C GLU A 292 10.45 -17.97 -17.49
N ALA A 293 9.38 -18.14 -18.27
CA ALA A 293 9.05 -17.25 -19.37
C ALA A 293 8.99 -15.79 -18.91
N VAL A 294 8.38 -15.56 -17.75
CA VAL A 294 8.31 -14.21 -17.19
C VAL A 294 9.69 -13.79 -16.66
N ASN A 295 10.35 -14.71 -15.97
CA ASN A 295 11.66 -14.48 -15.37
C ASN A 295 12.74 -14.13 -16.40
N LYS A 296 12.60 -14.68 -17.61
CA LYS A 296 13.57 -14.46 -18.68
C LYS A 296 13.40 -13.08 -19.31
N ASP A 297 12.20 -12.52 -19.18
CA ASP A 297 11.92 -11.16 -19.63
C ASP A 297 12.44 -10.17 -18.59
N LYS A 298 11.76 -10.13 -17.44
CA LYS A 298 12.25 -9.38 -16.28
C LYS A 298 12.23 -10.30 -15.07
N PRO A 299 13.38 -10.41 -14.37
CA PRO A 299 13.49 -11.30 -13.21
C PRO A 299 12.46 -11.02 -12.12
N LEU A 300 11.88 -12.09 -11.56
CA LEU A 300 10.80 -12.00 -10.61
C LEU A 300 11.29 -11.95 -9.17
N GLY A 301 12.51 -12.42 -8.95
CA GLY A 301 13.05 -12.56 -7.61
C GLY A 301 12.88 -13.99 -7.14
N ALA A 302 12.60 -14.17 -5.85
CA ALA A 302 12.40 -15.50 -5.30
C ALA A 302 10.95 -15.93 -5.47
N VAL A 303 10.71 -16.84 -6.42
CA VAL A 303 9.35 -17.20 -6.78
C VAL A 303 8.70 -18.05 -5.72
N ALA A 304 7.36 -18.05 -5.70
CA ALA A 304 6.59 -18.75 -4.69
C ALA A 304 6.54 -20.25 -4.97
N LEU A 305 6.73 -20.64 -6.23
CA LEU A 305 6.71 -22.05 -6.60
C LEU A 305 7.97 -22.75 -6.13
N LYS A 306 7.81 -23.71 -5.21
CA LYS A 306 8.94 -24.37 -4.57
C LYS A 306 9.87 -25.03 -5.59
N SER A 307 9.30 -25.77 -6.53
CA SER A 307 10.09 -26.52 -7.51
C SER A 307 11.01 -25.62 -8.34
N TYR A 308 10.53 -24.42 -8.66
CA TYR A 308 11.31 -23.52 -9.50
C TYR A 308 12.27 -22.65 -8.67
N GLU A 309 11.87 -22.34 -7.44
CA GLU A 309 12.70 -21.53 -6.56
C GLU A 309 13.96 -22.29 -6.18
N GLU A 310 13.87 -23.62 -6.16
CA GLU A 310 15.01 -24.47 -5.84
C GLU A 310 16.15 -24.28 -6.86
N GLU A 311 15.78 -24.07 -8.13
CA GLU A 311 16.78 -23.82 -9.18
C GLU A 311 17.32 -22.40 -9.13
N LEU A 312 16.44 -21.44 -8.84
CA LEU A 312 16.82 -20.04 -8.82
C LEU A 312 17.61 -19.68 -7.57
N ALA A 313 17.40 -20.43 -6.49
CA ALA A 313 18.02 -20.11 -5.20
C ALA A 313 19.55 -20.13 -5.29
N LYS A 314 20.08 -20.88 -6.25
CA LYS A 314 21.52 -21.00 -6.44
C LYS A 314 22.17 -19.67 -6.86
N ASP A 315 21.40 -18.84 -7.56
CA ASP A 315 21.83 -17.52 -8.01
C ASP A 315 22.15 -16.61 -6.83
N PRO A 316 23.40 -16.11 -6.76
CA PRO A 316 23.85 -15.21 -5.69
C PRO A 316 23.07 -13.90 -5.65
N ARG A 317 22.50 -13.49 -6.78
CA ARG A 317 21.65 -12.32 -6.82
C ARG A 317 20.34 -12.58 -6.07
N ILE A 318 19.80 -13.78 -6.25
CA ILE A 318 18.60 -14.18 -5.52
C ILE A 318 18.91 -14.31 -4.02
N ALA A 319 20.04 -14.94 -3.68
CA ALA A 319 20.44 -15.09 -2.29
C ALA A 319 20.56 -13.75 -1.59
N ALA A 320 21.13 -12.78 -2.30
CA ALA A 320 21.28 -11.42 -1.80
C ALA A 320 19.91 -10.78 -1.58
N THR A 321 18.99 -11.04 -2.51
CA THR A 321 17.62 -10.55 -2.42
C THR A 321 16.96 -11.06 -1.13
N MET A 322 17.12 -12.34 -0.85
CA MET A 322 16.53 -12.95 0.32
C MET A 322 17.24 -12.51 1.59
N GLU A 323 18.52 -12.21 1.48
CA GLU A 323 19.27 -11.70 2.62
C GLU A 323 18.74 -10.34 3.02
N ASN A 324 18.45 -9.51 2.03
CA ASN A 324 17.82 -8.23 2.30
C ASN A 324 16.38 -8.41 2.80
N ALA A 325 15.69 -9.39 2.23
CA ALA A 325 14.32 -9.69 2.63
C ALA A 325 14.23 -10.12 4.10
N GLN A 326 15.14 -10.98 4.53
CA GLN A 326 15.14 -11.49 5.91
C GLN A 326 15.42 -10.38 6.93
N LYS A 327 16.12 -9.33 6.50
CA LYS A 327 16.40 -8.20 7.39
C LYS A 327 15.26 -7.19 7.41
N GLY A 328 14.38 -7.26 6.40
CA GLY A 328 13.22 -6.40 6.32
C GLY A 328 11.97 -7.15 6.77
N GLU A 329 10.82 -6.69 6.30
CA GLU A 329 9.55 -7.26 6.72
C GLU A 329 8.52 -7.26 5.60
N ILE A 330 7.65 -8.26 5.62
CA ILE A 330 6.58 -8.42 4.65
C ILE A 330 5.61 -7.28 4.84
N MET A 331 5.03 -6.81 3.73
CA MET A 331 4.07 -5.71 3.86
C MET A 331 2.78 -6.22 4.49
N PRO A 332 2.14 -5.36 5.30
CA PRO A 332 0.77 -5.59 5.74
C PRO A 332 -0.14 -5.45 4.53
N ASN A 333 -1.33 -6.04 4.56
CA ASN A 333 -2.27 -5.88 3.47
C ASN A 333 -3.54 -5.24 3.98
N ILE A 334 -3.42 -4.57 5.12
CA ILE A 334 -4.55 -3.85 5.69
C ILE A 334 -5.04 -2.82 4.67
N PRO A 335 -6.32 -2.44 4.73
CA PRO A 335 -6.88 -1.58 3.69
C PRO A 335 -6.22 -0.21 3.57
N GLN A 336 -5.67 0.33 4.65
CA GLN A 336 -5.17 1.69 4.60
C GLN A 336 -3.67 1.75 4.27
N MET A 337 -3.14 0.69 3.66
CA MET A 337 -1.77 0.72 3.17
C MET A 337 -1.63 1.79 2.10
N SER A 338 -2.67 1.95 1.28
CA SER A 338 -2.67 2.96 0.24
C SER A 338 -2.51 4.36 0.82
N ALA A 339 -3.24 4.63 1.89
CA ALA A 339 -3.16 5.92 2.56
C ALA A 339 -1.76 6.11 3.14
N PHE A 340 -1.25 5.06 3.78
CA PHE A 340 0.08 5.10 4.35
C PHE A 340 1.13 5.46 3.31
N TRP A 341 1.20 4.68 2.22
CA TRP A 341 2.17 4.92 1.16
C TRP A 341 2.04 6.32 0.57
N TYR A 342 0.82 6.82 0.46
CA TYR A 342 0.61 8.16 -0.07
C TYR A 342 1.17 9.21 0.87
N ALA A 343 0.89 9.05 2.16
CA ALA A 343 1.36 9.99 3.18
C ALA A 343 2.89 10.03 3.20
N VAL A 344 3.52 8.86 3.14
CA VAL A 344 4.97 8.78 3.20
C VAL A 344 5.60 9.29 1.90
N ARG A 345 4.96 8.99 0.77
CA ARG A 345 5.43 9.50 -0.53
C ARG A 345 5.56 11.01 -0.50
N THR A 346 4.52 11.67 0.00
CA THR A 346 4.49 13.12 0.09
C THR A 346 5.56 13.64 1.04
N ALA A 347 5.70 12.98 2.19
CA ALA A 347 6.67 13.36 3.21
C ALA A 347 8.09 13.32 2.67
N VAL A 348 8.43 12.24 1.98
CA VAL A 348 9.78 12.11 1.43
C VAL A 348 10.06 13.16 0.35
N ILE A 349 9.08 13.40 -0.51
CA ILE A 349 9.23 14.36 -1.59
C ILE A 349 9.31 15.79 -1.06
N ASN A 350 8.42 16.13 -0.14
CA ASN A 350 8.41 17.46 0.45
C ASN A 350 9.67 17.76 1.27
N ALA A 351 10.16 16.75 1.99
CA ALA A 351 11.39 16.94 2.76
C ALA A 351 12.59 17.09 1.81
N ALA A 352 12.62 16.29 0.76
CA ALA A 352 13.72 16.28 -0.20
C ALA A 352 13.85 17.62 -0.92
N SER A 353 12.72 18.22 -1.27
CA SER A 353 12.71 19.46 -2.03
C SER A 353 12.81 20.69 -1.12
N GLY A 354 12.66 20.48 0.19
CA GLY A 354 12.66 21.57 1.14
C GLY A 354 11.31 22.26 1.32
N ARG A 355 10.27 21.69 0.70
CA ARG A 355 8.92 22.23 0.84
C ARG A 355 8.44 22.10 2.29
N GLN A 356 8.93 21.07 2.97
CA GLN A 356 8.69 20.87 4.40
C GLN A 356 9.98 20.44 5.08
N THR A 357 10.10 20.71 6.37
CA THR A 357 11.15 20.13 7.19
C THR A 357 10.86 18.66 7.37
N VAL A 358 11.88 17.87 7.70
CA VAL A 358 11.69 16.44 7.96
C VAL A 358 10.68 16.21 9.09
N ASP A 359 10.82 16.97 10.18
CA ASP A 359 9.94 16.88 11.34
C ASP A 359 8.46 17.04 10.95
N GLU A 360 8.17 18.14 10.27
CA GLU A 360 6.79 18.45 9.90
C GLU A 360 6.29 17.49 8.83
N ALA A 361 7.17 17.13 7.90
CA ALA A 361 6.83 16.22 6.81
C ALA A 361 6.36 14.86 7.33
N LEU A 362 7.07 14.35 8.32
CA LEU A 362 6.81 13.04 8.89
C LEU A 362 5.62 13.08 9.84
N LYS A 363 5.45 14.21 10.52
CA LYS A 363 4.27 14.42 11.37
C LYS A 363 3.00 14.29 10.53
N ASP A 364 2.95 14.99 9.39
CA ASP A 364 1.82 14.89 8.48
C ASP A 364 1.59 13.46 8.00
N ALA A 365 2.68 12.78 7.64
CA ALA A 365 2.58 11.40 7.18
C ALA A 365 2.08 10.50 8.31
N GLN A 366 2.48 10.84 9.53
CA GLN A 366 2.01 10.15 10.73
C GLN A 366 0.50 10.30 10.90
N THR A 367 0.01 11.52 10.75
CA THR A 367 -1.42 11.81 10.87
C THR A 367 -2.22 11.14 9.76
N GLY A 368 -1.72 11.23 8.53
CA GLY A 368 -2.33 10.59 7.38
C GLY A 368 -2.46 9.09 7.56
N SER A 369 -1.41 8.47 8.07
CA SER A 369 -1.38 7.02 8.26
C SER A 369 -2.27 6.57 9.42
N GLU A 370 -2.43 7.45 10.41
CA GLU A 370 -3.27 7.17 11.56
C GLU A 370 -4.74 7.43 11.26
N LEU A 371 -4.98 8.21 10.21
CA LEU A 371 -6.28 8.83 10.00
C LEU A 371 -7.46 7.85 10.04
N TYR A 372 -7.38 6.75 9.29
CA TYR A 372 -8.52 5.84 9.23
C TYR A 372 -8.80 5.14 10.56
N ARG A 373 -7.75 4.60 11.19
CA ARG A 373 -7.91 3.85 12.45
C ARG A 373 -8.34 4.77 13.59
N GLN A 374 -7.76 5.96 13.62
CA GLN A 374 -8.15 6.98 14.59
C GLN A 374 -9.61 7.39 14.40
N SER A 375 -10.02 7.63 13.16
CA SER A 375 -11.36 8.09 12.88
C SER A 375 -12.41 7.01 13.15
N LEU A 376 -12.08 5.77 12.82
CA LEU A 376 -13.00 4.66 13.04
C LEU A 376 -13.24 4.44 14.53
N GLU A 377 -12.17 4.53 15.32
CA GLU A 377 -12.29 4.37 16.76
C GLU A 377 -13.29 5.37 17.36
N ILE A 378 -13.19 6.62 16.93
CA ILE A 378 -14.04 7.67 17.47
C ILE A 378 -15.49 7.50 17.01
N ILE A 379 -15.66 7.31 15.70
CA ILE A 379 -16.98 7.20 15.08
C ILE A 379 -17.72 5.93 15.52
N SER A 380 -17.01 4.81 15.57
CA SER A 380 -17.59 3.56 16.03
C SER A 380 -18.02 3.64 17.50
N ARG A 381 -17.15 4.17 18.35
CA ARG A 381 -17.50 4.30 19.76
C ARG A 381 -18.68 5.23 19.96
N TYR A 382 -18.75 6.30 19.14
CA TYR A 382 -19.83 7.26 19.25
C TYR A 382 -21.17 6.66 18.83
N LEU A 383 -21.17 5.99 17.69
CA LEU A 383 -22.37 5.39 17.15
C LEU A 383 -22.90 4.30 18.09
N ARG A 384 -22.01 3.46 18.59
CA ARG A 384 -22.38 2.40 19.52
C ARG A 384 -22.98 2.93 20.84
N GLU A 385 -22.33 3.92 21.44
CA GLU A 385 -22.80 4.47 22.71
C GLU A 385 -24.10 5.27 22.53
N GLN A 386 -24.28 5.88 21.37
CA GLN A 386 -25.51 6.61 21.08
C GLN A 386 -26.66 5.63 20.93
N ALA A 387 -26.37 4.49 20.32
CA ALA A 387 -27.35 3.44 20.07
C ALA A 387 -27.80 2.74 21.36
N THR A 388 -26.85 2.30 22.17
CA THR A 388 -27.16 1.55 23.39
C THR A 388 -27.42 2.44 24.59
N GLY A 389 -26.88 3.66 24.56
CA GLY A 389 -26.99 4.57 25.67
C GLY A 389 -25.82 4.47 26.64
N ALA A 390 -24.99 3.44 26.47
CA ALA A 390 -23.88 3.21 27.38
C ALA A 390 -22.53 3.27 26.67
N ALA A 391 -21.57 3.95 27.30
CA ALA A 391 -20.23 4.09 26.74
C ALA A 391 -19.42 2.81 26.84
N ASP A 392 -18.40 2.72 26.00
CA ASP A 392 -17.45 1.61 26.04
C ASP A 392 -16.38 1.93 27.06
N THR A 393 -16.27 1.08 28.08
CA THR A 393 -15.30 1.29 29.15
C THR A 393 -13.89 0.84 28.77
N ALA A 394 -13.73 0.30 27.56
CA ALA A 394 -12.42 -0.17 27.11
C ALA A 394 -11.47 0.99 26.85
N PRO A 395 -10.20 0.85 27.25
CA PRO A 395 -9.17 1.88 27.05
C PRO A 395 -9.00 2.26 25.58
N MET A 396 -8.71 3.53 25.31
CA MET A 396 -8.52 4.02 23.96
C MET A 396 -7.29 3.43 23.28
N GLY A 397 -6.20 3.30 24.05
CA GLY A 397 -4.98 2.73 23.51
C GLY A 397 -3.96 3.78 23.12
N ALA A 398 -3.37 3.58 21.93
CA ALA A 398 -2.23 4.35 21.43
C ALA A 398 -2.29 5.86 21.70
N SER A 399 -3.20 6.55 21.02
CA SER A 399 -3.34 7.98 21.18
C SER A 399 -4.75 8.42 20.86
N GLY A 400 -5.64 8.27 21.84
CA GLY A 400 -5.28 7.89 23.19
C GLY A 400 -5.82 8.99 24.06
N ALA A 401 -5.11 10.10 24.07
CA ALA A 401 -5.66 11.34 24.58
C ALA A 401 -6.46 12.02 23.46
N THR A 402 -5.98 11.85 22.23
CA THR A 402 -6.64 12.43 21.05
C THR A 402 -8.01 11.82 20.83
N SER A 403 -8.06 10.48 20.86
CA SER A 403 -9.33 9.75 20.70
C SER A 403 -10.34 10.15 21.75
N ARG A 404 -9.88 10.20 23.00
CA ARG A 404 -10.75 10.49 24.14
C ARG A 404 -11.28 11.91 24.10
N LYS A 405 -10.39 12.86 23.82
CA LYS A 405 -10.80 14.27 23.75
C LYS A 405 -11.73 14.51 22.58
N ALA A 406 -11.47 13.85 21.46
CA ALA A 406 -12.30 14.00 20.28
C ALA A 406 -13.70 13.45 20.51
N LEU A 407 -13.79 12.36 21.27
CA LEU A 407 -15.09 11.75 21.55
C LEU A 407 -15.89 12.61 22.51
N GLU A 408 -15.19 13.21 23.48
CA GLU A 408 -15.81 14.18 24.39
C GLU A 408 -16.39 15.35 23.61
N THR A 409 -15.60 15.85 22.66
CA THR A 409 -15.99 17.02 21.89
C THR A 409 -17.14 16.68 20.96
N LEU A 410 -17.07 15.50 20.37
CA LEU A 410 -18.11 15.00 19.48
C LEU A 410 -19.43 14.84 20.25
N ARG A 411 -19.36 14.28 21.45
CA ARG A 411 -20.53 14.17 22.33
C ARG A 411 -21.20 15.52 22.58
N ARG A 412 -20.41 16.48 23.04
CA ARG A 412 -20.91 17.80 23.39
C ARG A 412 -21.51 18.53 22.19
N VAL A 413 -20.76 18.61 21.10
CA VAL A 413 -21.21 19.26 19.88
C VAL A 413 -22.31 18.47 19.18
N GLY A 414 -22.14 17.15 19.12
CA GLY A 414 -23.08 16.29 18.41
C GLY A 414 -24.47 16.27 19.01
N ASP A 415 -24.56 16.53 20.31
CA ASP A 415 -25.85 16.53 20.98
C ASP A 415 -26.74 17.65 20.44
N GLY A 416 -26.19 18.86 20.38
CA GLY A 416 -26.89 19.99 19.79
C GLY A 416 -27.18 19.83 18.31
N VAL A 417 -26.28 19.15 17.61
CA VAL A 417 -26.48 18.93 16.17
C VAL A 417 -27.62 17.94 15.93
N GLN A 418 -27.69 16.88 16.73
CA GLN A 418 -28.75 15.89 16.57
C GLN A 418 -30.11 16.44 16.96
N ARG A 419 -30.12 17.26 18.00
CA ARG A 419 -31.36 17.90 18.44
C ARG A 419 -31.93 18.81 17.34
N ASN A 420 -31.08 19.65 16.77
CA ASN A 420 -31.50 20.61 15.75
C ASN A 420 -31.85 19.97 14.41
N HIS A 421 -31.16 18.89 14.06
CA HIS A 421 -31.35 18.23 12.77
C HIS A 421 -32.29 17.04 12.84
N GLU A 422 -32.98 16.86 13.96
CA GLU A 422 -33.79 15.66 14.19
C GLU A 422 -34.84 15.46 13.11
N THR A 423 -35.49 16.54 12.71
CA THR A 423 -36.50 16.49 11.67
C THR A 423 -35.84 16.20 10.31
N ALA A 424 -34.68 16.80 10.08
CA ALA A 424 -33.97 16.60 8.82
C ALA A 424 -33.47 15.15 8.69
N PHE A 425 -32.99 14.60 9.80
CA PHE A 425 -32.46 13.24 9.82
C PHE A 425 -33.58 12.21 9.63
N GLN A 426 -34.73 12.45 10.26
CA GLN A 426 -35.90 11.60 10.08
C GLN A 426 -36.32 11.55 8.63
N GLY A 427 -36.26 12.69 7.95
CA GLY A 427 -36.61 12.79 6.55
C GLY A 427 -35.59 12.09 5.66
N MET A 428 -34.31 12.22 6.01
CA MET A 428 -33.26 11.59 5.23
C MET A 428 -33.31 10.06 5.39
N LEU A 429 -33.58 9.60 6.60
CA LEU A 429 -33.62 8.18 6.87
C LEU A 429 -34.79 7.51 6.17
N ARG A 430 -35.93 8.21 6.11
CA ARG A 430 -37.11 7.66 5.46
C ARG A 430 -36.94 7.62 3.94
N LYS A 431 -36.23 8.61 3.39
CA LYS A 431 -35.98 8.66 1.95
C LYS A 431 -35.13 7.46 1.54
N LEU A 432 -34.08 7.20 2.31
CA LEU A 432 -33.32 5.96 2.17
C LEU A 432 -34.13 4.83 2.78
N ASP A 433 -33.63 3.61 2.69
CA ASP A 433 -34.29 2.51 3.37
C ASP A 433 -33.29 1.55 3.97
N ILE A 434 -32.76 1.94 5.12
CA ILE A 434 -31.75 1.15 5.80
C ILE A 434 -32.41 0.10 6.70
N LYS A 435 -32.73 -1.04 6.10
CA LYS A 435 -33.36 -2.14 6.83
C LYS A 435 -32.31 -3.11 7.37
N ASN A 436 -31.32 -3.45 6.54
CA ASN A 436 -30.25 -4.37 6.93
C ASN A 436 -28.90 -3.95 6.35
N GLU A 437 -27.91 -4.83 6.51
CA GLU A 437 -26.53 -4.53 6.13
C GLU A 437 -26.36 -4.30 4.62
N ASP A 438 -27.23 -4.95 3.84
CA ASP A 438 -27.21 -4.78 2.40
C ASP A 438 -27.50 -3.33 2.01
N ASP A 439 -28.21 -2.61 2.87
CA ASP A 439 -28.58 -1.21 2.62
C ASP A 439 -27.49 -0.24 3.07
N VAL A 440 -26.62 -0.68 3.98
CA VAL A 440 -25.52 0.14 4.46
C VAL A 440 -24.50 0.39 3.36
N LYS A 441 -24.29 -0.62 2.52
CA LYS A 441 -23.36 -0.52 1.39
C LYS A 441 -23.78 0.59 0.43
N SER A 442 -25.07 0.66 0.12
CA SER A 442 -25.62 1.66 -0.78
C SER A 442 -25.45 3.08 -0.25
N LEU A 443 -25.38 3.19 1.08
CA LEU A 443 -25.35 4.48 1.74
C LEU A 443 -24.07 5.27 1.42
N SER A 444 -22.94 4.58 1.36
CA SER A 444 -21.64 5.24 1.13
C SER A 444 -21.59 5.93 -0.23
N ARG A 445 -22.25 5.36 -1.23
CA ARG A 445 -22.28 5.93 -2.56
C ARG A 445 -23.08 7.24 -2.58
N VAL A 446 -24.07 7.33 -1.70
CA VAL A 446 -24.88 8.53 -1.56
C VAL A 446 -24.17 9.59 -0.74
N MET A 447 -23.44 9.14 0.28
CA MET A 447 -22.72 10.07 1.16
C MET A 447 -21.53 10.70 0.45
N ILE A 448 -20.77 9.89 -0.27
CA ILE A 448 -19.54 10.33 -0.90
C ILE A 448 -19.77 11.44 -1.92
N HIS A 449 -20.81 11.30 -2.73
CA HIS A 449 -21.15 12.30 -3.72
C HIS A 449 -21.65 13.60 -3.06
N VAL A 450 -22.46 13.46 -2.02
CA VAL A 450 -23.06 14.61 -1.35
C VAL A 450 -22.08 15.36 -0.44
N PHE A 451 -21.31 14.61 0.35
CA PHE A 451 -20.45 15.21 1.37
C PHE A 451 -19.20 15.88 0.79
N SER A 452 -18.84 15.50 -0.43
CA SER A 452 -17.65 16.06 -1.08
C SER A 452 -18.01 17.26 -1.96
N ASP A 453 -19.22 17.77 -1.80
CA ASP A 453 -19.76 18.76 -2.72
C ASP A 453 -19.71 20.20 -2.22
N GLY A 454 -18.74 20.53 -1.36
CA GLY A 454 -18.61 21.90 -0.92
C GLY A 454 -17.41 22.20 -0.03
N VAL A 455 -17.36 23.43 0.46
CA VAL A 455 -16.31 23.85 1.40
C VAL A 455 -16.39 23.02 2.68
N THR A 456 -15.24 22.52 3.12
CA THR A 456 -15.16 21.63 4.27
C THR A 456 -14.97 22.40 5.57
N ASN A 457 -15.74 22.02 6.59
CA ASN A 457 -15.51 22.48 7.95
C ASN A 457 -15.85 21.37 8.93
N TRP A 458 -15.51 21.56 10.20
CA TRP A 458 -15.80 20.56 11.22
C TRP A 458 -17.28 20.43 11.51
N GLY A 459 -18.03 21.49 11.22
CA GLY A 459 -19.47 21.47 11.41
C GLY A 459 -20.16 20.41 10.57
N ARG A 460 -19.80 20.35 9.29
CA ARG A 460 -20.42 19.40 8.37
C ARG A 460 -20.01 17.96 8.72
N ILE A 461 -18.81 17.81 9.25
CA ILE A 461 -18.31 16.50 9.64
C ILE A 461 -19.10 15.96 10.83
N VAL A 462 -19.45 16.84 11.77
CA VAL A 462 -20.24 16.45 12.92
C VAL A 462 -21.66 16.07 12.49
N THR A 463 -22.19 16.79 11.52
CA THR A 463 -23.52 16.51 10.99
C THR A 463 -23.57 15.10 10.41
N LEU A 464 -22.57 14.78 9.60
CA LEU A 464 -22.43 13.45 8.99
C LEU A 464 -22.39 12.35 10.02
N ILE A 465 -21.52 12.55 11.02
CA ILE A 465 -21.38 11.59 12.10
C ILE A 465 -22.67 11.50 12.92
N SER A 466 -23.32 12.65 13.15
CA SER A 466 -24.55 12.69 13.93
C SER A 466 -25.68 11.96 13.24
N PHE A 467 -25.73 12.07 11.91
CA PHE A 467 -26.71 11.32 11.14
C PHE A 467 -26.38 9.85 11.26
N GLY A 468 -25.08 9.55 11.32
CA GLY A 468 -24.62 8.20 11.60
C GLY A 468 -25.18 7.67 12.90
N ALA A 469 -24.99 8.43 13.98
CA ALA A 469 -25.50 8.05 15.28
C ALA A 469 -27.02 7.86 15.26
N PHE A 470 -27.72 8.75 14.56
CA PHE A 470 -29.17 8.68 14.39
C PHE A 470 -29.61 7.37 13.73
N VAL A 471 -28.89 6.98 12.69
CA VAL A 471 -29.17 5.73 11.98
C VAL A 471 -28.82 4.54 12.87
N ALA A 472 -27.78 4.68 13.68
CA ALA A 472 -27.35 3.63 14.59
C ALA A 472 -28.47 3.31 15.59
N LYS A 473 -29.03 4.35 16.17
CA LYS A 473 -30.14 4.21 17.09
C LYS A 473 -31.28 3.44 16.43
N HIS A 474 -31.62 3.85 15.22
CA HIS A 474 -32.67 3.19 14.46
C HIS A 474 -32.36 1.71 14.24
N LEU A 475 -31.11 1.40 13.93
CA LEU A 475 -30.71 0.02 13.65
C LEU A 475 -30.85 -0.86 14.88
N LYS A 476 -30.53 -0.31 16.05
CA LYS A 476 -30.68 -1.05 17.30
C LYS A 476 -32.15 -1.29 17.58
N THR A 477 -32.94 -0.24 17.41
CA THR A 477 -34.38 -0.28 17.61
C THR A 477 -35.06 -1.41 16.82
N ILE A 478 -34.63 -1.63 15.58
CA ILE A 478 -35.23 -2.68 14.76
C ILE A 478 -34.44 -3.99 14.82
N ASN A 479 -33.69 -4.16 15.90
CA ASN A 479 -32.89 -5.38 16.12
C ASN A 479 -31.86 -5.65 15.02
N GLN A 480 -31.18 -4.60 14.57
CA GLN A 480 -30.11 -4.75 13.58
C GLN A 480 -28.83 -4.13 14.09
N GLU A 481 -28.53 -4.38 15.36
CA GLU A 481 -27.39 -3.75 16.03
C GLU A 481 -26.09 -4.20 15.40
N SER A 482 -26.12 -5.38 14.75
CA SER A 482 -24.94 -5.94 14.12
C SER A 482 -24.49 -5.08 12.94
N CYS A 483 -25.39 -4.23 12.44
CA CYS A 483 -25.11 -3.36 11.31
C CYS A 483 -24.41 -2.06 11.70
N ILE A 484 -24.29 -1.83 13.00
CA ILE A 484 -23.76 -0.56 13.47
C ILE A 484 -22.27 -0.44 13.13
N GLU A 485 -21.54 -1.53 13.28
CA GLU A 485 -20.12 -1.53 12.93
C GLU A 485 -19.87 -1.31 11.42
N PRO A 486 -20.60 -2.02 10.53
CA PRO A 486 -20.44 -1.69 9.11
C PRO A 486 -20.80 -0.24 8.79
N LEU A 487 -21.81 0.29 9.47
CA LEU A 487 -22.22 1.67 9.27
C LEU A 487 -21.11 2.64 9.66
N ALA A 488 -20.49 2.37 10.81
CA ALA A 488 -19.42 3.22 11.32
C ALA A 488 -18.25 3.22 10.36
N GLU A 489 -17.96 2.05 9.79
CA GLU A 489 -16.86 1.90 8.86
C GLU A 489 -17.15 2.62 7.55
N SER A 490 -18.39 2.54 7.10
CA SER A 490 -18.81 3.19 5.87
C SER A 490 -18.71 4.71 6.00
N ILE A 491 -19.16 5.23 7.13
CA ILE A 491 -19.09 6.66 7.39
C ILE A 491 -17.63 7.12 7.50
N THR A 492 -16.83 6.36 8.23
CA THR A 492 -15.40 6.61 8.39
C THR A 492 -14.68 6.63 7.05
N ASP A 493 -14.92 5.60 6.25
CA ASP A 493 -14.37 5.47 4.90
C ASP A 493 -14.70 6.71 4.07
N VAL A 494 -15.95 7.15 4.11
CA VAL A 494 -16.39 8.31 3.35
C VAL A 494 -15.66 9.58 3.82
N LEU A 495 -15.58 9.76 5.14
CA LEU A 495 -14.94 10.93 5.73
C LEU A 495 -13.45 11.03 5.36
N VAL A 496 -12.73 9.94 5.51
CA VAL A 496 -11.28 9.92 5.36
C VAL A 496 -10.85 9.93 3.89
N ARG A 497 -11.66 9.33 3.02
CA ARG A 497 -11.34 9.30 1.59
C ARG A 497 -11.60 10.64 0.93
N THR A 498 -12.69 11.31 1.31
CA THR A 498 -13.08 12.55 0.63
C THR A 498 -12.42 13.79 1.23
N LYS A 499 -11.99 13.71 2.48
CA LYS A 499 -11.46 14.88 3.16
C LYS A 499 -10.05 14.69 3.71
N ARG A 500 -9.35 13.68 3.19
CA ARG A 500 -7.99 13.33 3.61
C ARG A 500 -7.08 14.53 3.80
N ASP A 501 -6.82 15.25 2.72
CA ASP A 501 -5.89 16.38 2.75
C ASP A 501 -6.35 17.45 3.72
N TRP A 502 -7.65 17.76 3.69
CA TRP A 502 -8.18 18.73 4.63
C TRP A 502 -7.82 18.27 6.04
N LEU A 503 -8.28 17.07 6.43
CA LEU A 503 -8.04 16.54 7.78
C LEU A 503 -6.57 16.57 8.23
N VAL A 504 -5.65 16.20 7.35
CA VAL A 504 -4.22 16.29 7.66
C VAL A 504 -3.78 17.73 7.96
N LYS A 505 -4.25 18.66 7.12
CA LYS A 505 -3.94 20.09 7.26
C LYS A 505 -4.39 20.65 8.62
N GLN A 506 -5.29 19.91 9.27
CA GLN A 506 -6.07 20.33 10.43
C GLN A 506 -5.47 19.59 11.59
N ARG A 507 -4.41 18.85 11.27
CA ARG A 507 -3.70 17.96 12.18
C ARG A 507 -4.67 16.92 12.74
N GLY A 508 -5.58 16.48 11.89
CA GLY A 508 -6.51 15.43 12.24
C GLY A 508 -7.45 15.85 13.34
N TRP A 509 -7.75 14.92 14.24
CA TRP A 509 -8.75 15.14 15.27
C TRP A 509 -8.28 16.08 16.38
N ASP A 510 -6.98 16.36 16.41
CA ASP A 510 -6.44 17.40 17.29
C ASP A 510 -7.04 18.75 16.91
N GLY A 511 -7.20 18.97 15.62
CA GLY A 511 -7.82 20.18 15.12
C GLY A 511 -9.28 20.26 15.51
N PHE A 512 -9.98 19.14 15.39
CA PHE A 512 -11.38 19.05 15.79
C PHE A 512 -11.53 19.40 17.27
N VAL A 513 -10.63 18.89 18.09
CA VAL A 513 -10.65 19.17 19.51
C VAL A 513 -10.42 20.68 19.77
N GLU A 514 -9.41 21.24 19.13
CA GLU A 514 -9.08 22.66 19.31
C GLU A 514 -10.15 23.60 18.81
N PHE A 515 -10.74 23.29 17.65
CA PHE A 515 -11.76 24.15 17.06
C PHE A 515 -12.97 24.36 17.98
N PHE A 516 -13.41 23.30 18.66
CA PHE A 516 -14.56 23.40 19.54
C PHE A 516 -14.15 23.48 21.02
N HIS A 517 -12.96 24.00 21.30
CA HIS A 517 -12.52 24.17 22.68
C HIS A 517 -13.39 25.18 23.41
N VAL A 518 -13.97 24.75 24.53
CA VAL A 518 -14.85 25.59 25.33
C VAL A 518 -14.07 26.28 26.43
#